data_8AQ4
#
_entry.id   8AQ4
#
_cell.length_a   160.111
_cell.length_b   160.111
_cell.length_c   90.934
_cell.angle_alpha   90.000
_cell.angle_beta   90.000
_cell.angle_gamma   120.000
#
_symmetry.space_group_name_H-M   'P 32 2 1'
#
loop_
_entity.id
_entity.type
_entity.pdbx_description
1 polymer 'Apolipoprotein N-acyltransferase'
2 non-polymer 1-METHOXY-2-[2-(2-METHOXY-ETHOXY]-ETHANE
3 non-polymer GLYCEROL
4 non-polymer '[(2~{R})-1-[2-azanylethoxy(oxidanyl)phosphoryl]oxy-3-hexadecanoyloxy-propan-2-yl] (~{Z})-octadec-9-enoate'
5 non-polymer ~{N}-tridecylmethanethioamide
6 non-polymer 1-(2-METHOXY-ETHOXY)-2-{2-[2-(2-METHOXY-ETHOXY]-ETHOXY}-ETHANE
7 non-polymer 2-AMINO-2-HYDROXYMETHYL-PROPANE-1,3-DIOL
8 non-polymer 'ACETATE ION'
9 non-polymer DODECYL-BETA-D-MALTOSIDE
10 non-polymer 'CHLORIDE ION'
11 water water
#
_entity_poly.entity_id   1
_entity_poly.type   'polypeptide(L)'
_entity_poly.pdbx_seq_one_letter_code
;MGSSHHHHHHSSGLVPRGSHMAFASLIERQRIRLLLALLFGACGTLAFSPYDVWPAAIISLMGLQALTFNRRPLQSAAIG
FCWGFGLFGSGINWVYVSIATFGGMPGPVNIFLVVLLAAYLSLYTGLFAGVLSRLWPKTTWLRVAIAAPALWQVTEFLRG
WVLTGFPWLQFGYSQIDGPLKGLAPIMGVEAINFLLMMVSGLLALALVKRNWRPLVVAVVLFALPFPLRYIQWFTPQPEK
TIQVSMVQGDIPQSLKWDEGQLLNTLKIYYNATAPLMGKSSLIIWPESAITDLEINQQPFLKALDGELRDKGSSLVTGIV
DARLNKQNRYDTYNTIITLGKGAPYSYESADRYNKNHLVPFGEFVPLESILRPLAPFFDLPMSSFSRGPYIQPPLSANGI
ELTAAICYEIILGEQVRDNFRPDTDYLLTISNDAWFGKSIGPWQHFQMARMRALELARPLLRSTNNGITAVIGPQGEIQA
MIPQFTREVLTTNVTPTTGLTPYARTGNWPLWVLTALFGFAAVLMSLRQRRK
;
_entity_poly.pdbx_strand_id   A
#
loop_
_chem_comp.id
_chem_comp.type
_chem_comp.name
_chem_comp.formula
6OU non-polymer '[(2~{R})-1-[2-azanylethoxy(oxidanyl)phosphoryl]oxy-3-hexadecanoyloxy-propan-2-yl] (~{Z})-octadec-9-enoate' 'C39 H76 N O8 P'
ACT non-polymer 'ACETATE ION' 'C2 H3 O2 -1'
CL non-polymer 'CHLORIDE ION' 'Cl -1'
GOL non-polymer GLYCEROL 'C3 H8 O3'
LMT D-saccharide DODECYL-BETA-D-MALTOSIDE 'C24 H46 O11'
PG5 non-polymer 1-METHOXY-2-[2-(2-METHOXY-ETHOXY]-ETHANE 'C8 H18 O4'
PG6 non-polymer 1-(2-METHOXY-ETHOXY)-2-{2-[2-(2-METHOXY-ETHOXY]-ETHOXY}-ETHANE 'C12 H26 O6'
QGT non-polymer ~{N}-tridecylmethanethioamide 'C14 H29 N S'
TRS non-polymer 2-AMINO-2-HYDROXYMETHYL-PROPANE-1,3-DIOL 'C4 H12 N O3 1'
#
# COMPACT_ATOMS: atom_id res chain seq x y z
N MET A 21 -41.02 3.81 -18.53
CA MET A 21 -41.92 2.76 -18.09
C MET A 21 -41.77 2.52 -16.59
N ALA A 22 -42.20 1.35 -16.13
CA ALA A 22 -42.23 1.06 -14.70
C ALA A 22 -40.86 0.74 -14.16
N PHE A 23 -40.13 -0.10 -14.89
CA PHE A 23 -38.74 -0.42 -14.60
C PHE A 23 -37.92 0.84 -14.38
N ALA A 24 -38.05 1.81 -15.29
CA ALA A 24 -37.40 3.09 -15.10
C ALA A 24 -37.87 3.75 -13.81
N SER A 25 -39.18 3.72 -13.56
CA SER A 25 -39.75 4.33 -12.37
C SER A 25 -39.19 3.72 -11.10
N LEU A 26 -38.98 2.40 -11.11
CA LEU A 26 -38.33 1.72 -9.98
C LEU A 26 -36.90 2.19 -9.82
N ILE A 27 -36.16 2.23 -10.94
CA ILE A 27 -34.76 2.66 -10.90
C ILE A 27 -34.67 4.06 -10.33
N GLU A 28 -35.65 4.88 -10.68
CA GLU A 28 -35.66 6.26 -10.28
C GLU A 28 -35.75 6.46 -8.77
N ARG A 29 -36.22 5.47 -8.00
CA ARG A 29 -36.32 5.66 -6.56
C ARG A 29 -34.94 5.82 -5.92
N GLN A 30 -34.85 6.71 -4.93
CA GLN A 30 -33.57 6.94 -4.25
C GLN A 30 -33.15 5.72 -3.43
N ARG A 31 -34.07 5.18 -2.62
CA ARG A 31 -33.75 4.00 -1.82
C ARG A 31 -33.29 2.85 -2.69
N ILE A 32 -33.87 2.71 -3.88
CA ILE A 32 -33.36 1.68 -4.76
C ILE A 32 -31.93 2.01 -5.16
N ARG A 33 -31.64 3.30 -5.34
CA ARG A 33 -30.29 3.67 -5.74
C ARG A 33 -29.29 3.45 -4.62
N LEU A 34 -29.71 3.63 -3.38
CA LEU A 34 -28.82 3.39 -2.25
C LEU A 34 -28.47 1.92 -2.14
N LEU A 35 -29.45 1.05 -2.34
CA LEU A 35 -29.17 -0.38 -2.25
C LEU A 35 -28.29 -0.84 -3.39
N LEU A 36 -28.56 -0.33 -4.60
CA LEU A 36 -27.74 -0.70 -5.74
C LEU A 36 -26.30 -0.25 -5.54
N ALA A 37 -26.13 0.94 -4.95
CA ALA A 37 -24.80 1.50 -4.74
C ALA A 37 -24.00 0.65 -3.77
N LEU A 38 -24.66 0.09 -2.76
CA LEU A 38 -23.97 -0.81 -1.85
C LEU A 38 -23.39 -2.00 -2.60
N LEU A 39 -24.20 -2.61 -3.45
CA LEU A 39 -23.78 -3.79 -4.17
C LEU A 39 -22.70 -3.48 -5.18
N PHE A 40 -22.76 -2.29 -5.77
CA PHE A 40 -21.74 -1.88 -6.73
C PHE A 40 -20.46 -1.45 -6.01
N GLY A 41 -20.59 -0.82 -4.85
CA GLY A 41 -19.41 -0.51 -4.06
C GLY A 41 -18.71 -1.77 -3.59
N ALA A 42 -19.46 -2.69 -2.99
CA ALA A 42 -18.87 -3.94 -2.53
C ALA A 42 -18.29 -4.74 -3.68
N CYS A 43 -18.90 -4.67 -4.86
CA CYS A 43 -18.39 -5.37 -6.03
C CYS A 43 -16.93 -5.01 -6.32
N GLY A 44 -16.53 -3.76 -6.02
CA GLY A 44 -15.17 -3.34 -6.31
C GLY A 44 -14.13 -4.10 -5.52
N THR A 45 -14.45 -4.49 -4.28
CA THR A 45 -13.52 -5.26 -3.46
C THR A 45 -13.03 -6.50 -4.18
N LEU A 46 -13.89 -7.06 -5.03
CA LEU A 46 -13.56 -8.23 -5.82
C LEU A 46 -12.41 -7.96 -6.77
N ALA A 47 -12.12 -6.68 -7.06
CA ALA A 47 -11.07 -6.34 -8.01
C ALA A 47 -9.68 -6.55 -7.43
N PHE A 48 -9.53 -6.44 -6.12
CA PHE A 48 -8.23 -6.53 -5.49
C PHE A 48 -7.88 -7.98 -5.18
N SER A 49 -6.63 -8.19 -4.80
CA SER A 49 -6.24 -9.51 -4.35
C SER A 49 -6.94 -9.81 -3.03
N PRO A 50 -7.31 -11.07 -2.80
CA PRO A 50 -6.93 -12.28 -3.49
C PRO A 50 -7.81 -12.65 -4.66
N TYR A 51 -8.87 -11.88 -4.87
CA TYR A 51 -9.85 -12.24 -5.88
C TYR A 51 -9.37 -11.93 -7.29
N ASP A 52 -8.81 -10.74 -7.49
CA ASP A 52 -8.13 -10.34 -8.74
C ASP A 52 -9.03 -10.38 -9.97
N VAL A 53 -10.31 -10.03 -9.83
CA VAL A 53 -11.17 -9.86 -10.99
C VAL A 53 -11.01 -8.40 -11.41
N TRP A 54 -10.03 -8.11 -12.26
CA TRP A 54 -9.83 -6.71 -12.59
C TRP A 54 -11.04 -6.05 -13.24
N PRO A 55 -11.88 -6.74 -14.02
CA PRO A 55 -13.10 -6.08 -14.52
C PRO A 55 -14.03 -5.59 -13.40
N ALA A 56 -13.99 -6.21 -12.22
CA ALA A 56 -14.87 -5.77 -11.13
C ALA A 56 -14.65 -4.29 -10.80
N ALA A 57 -13.44 -3.78 -11.03
CA ALA A 57 -13.19 -2.35 -10.81
C ALA A 57 -14.01 -1.50 -11.77
N ILE A 58 -14.04 -1.88 -13.04
CA ILE A 58 -14.82 -1.13 -14.02
C ILE A 58 -16.31 -1.24 -13.72
N ILE A 59 -16.78 -2.43 -13.36
CA ILE A 59 -18.18 -2.59 -12.97
C ILE A 59 -18.50 -1.68 -11.80
N SER A 60 -17.70 -1.76 -10.73
CA SER A 60 -17.97 -0.98 -9.52
C SER A 60 -17.92 0.51 -9.80
N LEU A 61 -16.95 0.95 -10.61
CA LEU A 61 -16.86 2.36 -10.93
C LEU A 61 -18.05 2.81 -11.77
N MET A 62 -18.46 1.98 -12.74
CA MET A 62 -19.62 2.30 -13.56
C MET A 62 -20.85 2.52 -12.70
N GLY A 63 -21.06 1.64 -11.72
CA GLY A 63 -22.17 1.83 -10.81
C GLY A 63 -22.09 3.17 -10.13
N LEU A 64 -20.94 3.49 -9.57
CA LEU A 64 -20.80 4.78 -8.90
C LEU A 64 -21.10 5.92 -9.86
N GLN A 65 -20.54 5.87 -11.06
CA GLN A 65 -20.75 7.00 -11.96
C GLN A 65 -22.18 7.02 -12.49
N ALA A 66 -22.71 5.87 -12.90
CA ALA A 66 -24.06 5.86 -13.45
C ALA A 66 -25.09 6.12 -12.37
N LEU A 67 -24.94 5.49 -11.20
CA LEU A 67 -25.99 5.58 -10.18
C LEU A 67 -26.24 7.01 -9.71
N THR A 68 -25.31 7.93 -9.94
CA THR A 68 -25.47 9.29 -9.46
C THR A 68 -26.13 10.23 -10.46
N PHE A 69 -26.32 9.78 -11.71
CA PHE A 69 -26.95 10.61 -12.73
C PHE A 69 -28.32 11.12 -12.29
N ASN A 70 -28.64 12.35 -12.71
CA ASN A 70 -30.01 12.87 -12.70
C ASN A 70 -30.57 13.07 -11.29
N ARG A 71 -29.73 13.44 -10.34
CA ARG A 71 -30.13 13.58 -8.95
C ARG A 71 -29.72 14.93 -8.40
N ARG A 72 -30.43 15.38 -7.36
CA ARG A 72 -30.02 16.58 -6.65
C ARG A 72 -28.65 16.38 -6.04
N PRO A 73 -27.88 17.45 -5.85
CA PRO A 73 -26.48 17.27 -5.37
C PRO A 73 -26.38 16.52 -4.07
N LEU A 74 -27.22 16.85 -3.08
CA LEU A 74 -27.19 16.12 -1.82
C LEU A 74 -27.67 14.69 -1.99
N GLN A 75 -28.59 14.46 -2.93
CA GLN A 75 -29.01 13.09 -3.25
C GLN A 75 -27.82 12.26 -3.70
N SER A 76 -27.01 12.81 -4.60
CA SER A 76 -25.87 12.08 -5.13
C SER A 76 -24.82 11.80 -4.06
N ALA A 77 -24.67 12.71 -3.10
CA ALA A 77 -23.71 12.49 -2.02
C ALA A 77 -24.07 11.25 -1.22
N ALA A 78 -25.37 11.04 -0.99
CA ALA A 78 -25.82 9.87 -0.25
C ALA A 78 -25.54 8.58 -1.01
N ILE A 79 -25.72 8.61 -2.33
CA ILE A 79 -25.38 7.44 -3.14
C ILE A 79 -23.89 7.15 -3.03
N GLY A 80 -23.07 8.20 -3.20
CA GLY A 80 -21.64 8.02 -3.15
C GLY A 80 -21.19 7.49 -1.81
N PHE A 81 -21.79 8.00 -0.73
CA PHE A 81 -21.48 7.48 0.59
C PHE A 81 -21.77 5.98 0.67
N CYS A 82 -22.91 5.56 0.14
CA CYS A 82 -23.25 4.14 0.18
C CYS A 82 -22.31 3.32 -0.68
N TRP A 83 -21.93 3.85 -1.85
CA TRP A 83 -20.99 3.15 -2.70
C TRP A 83 -19.65 3.01 -2.00
N GLY A 84 -19.15 4.10 -1.43
CA GLY A 84 -17.94 3.99 -0.64
C GLY A 84 -18.11 2.98 0.48
N PHE A 85 -19.22 3.10 1.21
CA PHE A 85 -19.46 2.21 2.33
C PHE A 85 -19.56 0.76 1.89
N GLY A 86 -20.17 0.49 0.74
CA GLY A 86 -20.16 -0.87 0.23
C GLY A 86 -18.76 -1.35 -0.05
N LEU A 87 -17.94 -0.49 -0.64
CA LEU A 87 -16.56 -0.82 -0.97
C LEU A 87 -15.70 -0.92 0.28
N PHE A 88 -15.78 0.08 1.16
CA PHE A 88 -14.94 0.03 2.35
C PHE A 88 -15.50 -0.95 3.37
N GLY A 89 -16.82 -1.13 3.42
CA GLY A 89 -17.38 -2.12 4.32
C GLY A 89 -17.02 -3.54 3.94
N SER A 90 -16.98 -3.83 2.65
CA SER A 90 -16.58 -5.17 2.20
C SER A 90 -15.08 -5.31 2.08
N GLY A 91 -14.36 -4.21 1.82
CA GLY A 91 -12.96 -4.28 1.46
C GLY A 91 -11.95 -4.17 2.58
N ILE A 92 -12.21 -3.30 3.56
CA ILE A 92 -11.25 -3.10 4.65
C ILE A 92 -11.84 -3.55 5.98
N ASN A 93 -12.86 -4.41 5.96
CA ASN A 93 -13.40 -4.88 7.23
C ASN A 93 -12.47 -5.87 7.93
N TRP A 94 -11.35 -6.25 7.30
CA TRP A 94 -10.42 -7.18 7.92
C TRP A 94 -9.73 -6.58 9.12
N VAL A 95 -9.63 -5.27 9.17
CA VAL A 95 -9.14 -4.54 10.34
C VAL A 95 -9.78 -5.10 11.60
N TYR A 96 -11.04 -5.51 11.49
CA TYR A 96 -11.77 -6.04 12.63
C TYR A 96 -11.01 -7.17 13.31
N VAL A 97 -10.30 -7.99 12.53
CA VAL A 97 -9.53 -9.10 13.11
C VAL A 97 -8.52 -8.59 14.12
N SER A 98 -7.68 -7.64 13.72
CA SER A 98 -6.68 -7.10 14.62
C SER A 98 -7.31 -6.40 15.82
N ILE A 99 -8.51 -5.85 15.66
CA ILE A 99 -9.19 -5.21 16.77
C ILE A 99 -9.77 -6.26 17.73
N ALA A 100 -10.17 -7.42 17.21
CA ALA A 100 -10.87 -8.39 18.04
C ALA A 100 -9.91 -9.23 18.86
N THR A 101 -8.86 -9.77 18.23
CA THR A 101 -7.96 -10.68 18.92
C THR A 101 -7.16 -9.97 20.01
N PHE A 102 -6.76 -8.72 19.77
CA PHE A 102 -5.89 -8.01 20.69
C PHE A 102 -6.49 -6.72 21.23
N GLY A 103 -7.68 -6.33 20.78
CA GLY A 103 -8.23 -5.06 21.21
C GLY A 103 -8.80 -5.04 22.61
N GLY A 104 -9.16 -6.20 23.15
CA GLY A 104 -9.65 -6.28 24.51
C GLY A 104 -10.86 -5.42 24.80
N MET A 105 -11.83 -5.43 23.90
CA MET A 105 -13.06 -4.65 24.05
C MET A 105 -14.26 -5.55 23.75
N PRO A 106 -15.46 -5.13 24.16
CA PRO A 106 -16.65 -5.97 23.95
C PRO A 106 -17.03 -6.05 22.48
N GLY A 107 -17.84 -7.05 22.14
CA GLY A 107 -18.21 -7.29 20.76
C GLY A 107 -18.72 -6.06 20.01
N PRO A 108 -19.77 -5.42 20.56
CA PRO A 108 -20.43 -4.33 19.83
C PRO A 108 -19.54 -3.16 19.46
N VAL A 109 -18.70 -2.70 20.40
CA VAL A 109 -17.82 -1.57 20.09
C VAL A 109 -16.82 -1.96 19.01
N ASN A 110 -16.36 -3.21 19.02
CA ASN A 110 -15.41 -3.68 18.01
C ASN A 110 -15.98 -3.49 16.60
N ILE A 111 -17.22 -3.93 16.37
CA ILE A 111 -17.81 -3.74 15.06
C ILE A 111 -18.19 -2.28 14.85
N PHE A 112 -18.48 -1.55 15.93
CA PHE A 112 -18.82 -0.13 15.78
C PHE A 112 -17.63 0.65 15.24
N LEU A 113 -16.43 0.28 15.67
CA LEU A 113 -15.23 0.94 15.20
C LEU A 113 -14.96 0.62 13.74
N VAL A 114 -15.18 -0.63 13.37
CA VAL A 114 -14.99 -1.03 11.99
C VAL A 114 -15.97 -0.30 11.09
N VAL A 115 -17.23 -0.19 11.53
CA VAL A 115 -18.19 0.57 10.72
C VAL A 115 -17.86 2.06 10.78
N LEU A 116 -17.40 2.56 11.91
CA LEU A 116 -17.00 3.96 11.98
C LEU A 116 -15.87 4.24 11.00
N LEU A 117 -14.86 3.38 10.96
CA LEU A 117 -13.76 3.61 10.03
C LEU A 117 -14.23 3.57 8.60
N ALA A 118 -15.11 2.62 8.26
CA ALA A 118 -15.65 2.58 6.91
C ALA A 118 -16.47 3.83 6.61
N ALA A 119 -17.26 4.29 7.58
CA ALA A 119 -18.01 5.52 7.36
C ALA A 119 -17.06 6.70 7.09
N TYR A 120 -15.96 6.78 7.83
CA TYR A 120 -15.05 7.89 7.62
C TYR A 120 -14.50 7.90 6.20
N LEU A 121 -14.05 6.75 5.69
CA LEU A 121 -13.55 6.69 4.32
C LEU A 121 -14.66 6.96 3.31
N SER A 122 -15.89 6.64 3.69
CA SER A 122 -17.04 6.84 2.82
C SER A 122 -17.36 8.32 2.61
N LEU A 123 -17.05 9.17 3.59
CA LEU A 123 -17.26 10.61 3.40
C LEU A 123 -16.53 11.11 2.18
N TYR A 124 -15.30 10.63 1.99
CA TYR A 124 -14.53 11.05 0.83
C TYR A 124 -15.16 10.60 -0.47
N THR A 125 -15.65 9.35 -0.52
CA THR A 125 -16.38 8.98 -1.73
C THR A 125 -17.66 9.79 -1.86
N GLY A 126 -18.39 9.93 -0.75
CA GLY A 126 -19.62 10.70 -0.79
C GLY A 126 -19.38 12.14 -1.19
N LEU A 127 -18.31 12.74 -0.67
CA LEU A 127 -18.01 14.13 -1.05
C LEU A 127 -17.76 14.23 -2.55
N PHE A 128 -16.99 13.31 -3.11
CA PHE A 128 -16.79 13.26 -4.55
C PHE A 128 -18.13 13.29 -5.27
N ALA A 129 -19.01 12.37 -4.88
CA ALA A 129 -20.33 12.26 -5.48
C ALA A 129 -21.06 13.60 -5.44
N GLY A 130 -21.07 14.25 -4.27
CA GLY A 130 -21.88 15.44 -4.08
C GLY A 130 -21.40 16.64 -4.86
N VAL A 131 -20.09 16.91 -4.87
CA VAL A 131 -19.62 18.08 -5.62
C VAL A 131 -19.79 17.85 -7.12
N LEU A 132 -19.62 16.61 -7.58
CA LEU A 132 -19.77 16.33 -9.00
C LEU A 132 -21.19 16.64 -9.48
N SER A 133 -22.19 16.38 -8.64
CA SER A 133 -23.57 16.64 -9.04
C SER A 133 -23.86 18.13 -9.04
N ARG A 134 -23.36 18.87 -8.05
CA ARG A 134 -23.66 20.29 -7.97
C ARG A 134 -23.10 21.04 -9.17
N LEU A 135 -21.83 20.84 -9.49
CA LEU A 135 -21.22 21.67 -10.52
C LEU A 135 -21.49 21.12 -11.91
N TRP A 136 -21.60 19.81 -12.06
CA TRP A 136 -21.93 19.21 -13.35
C TRP A 136 -23.15 18.35 -13.07
N PRO A 137 -24.33 18.89 -13.21
CA PRO A 137 -25.52 18.10 -12.89
C PRO A 137 -26.09 17.42 -14.10
N LYS A 138 -25.84 17.98 -15.27
CA LYS A 138 -26.34 17.35 -16.48
C LYS A 138 -25.47 16.15 -16.81
N THR A 139 -26.09 15.05 -17.17
CA THR A 139 -25.33 13.84 -17.46
C THR A 139 -24.72 14.01 -18.83
N THR A 140 -23.57 14.65 -18.84
CA THR A 140 -22.87 14.99 -20.06
C THR A 140 -21.58 14.19 -20.14
N TRP A 141 -21.01 14.18 -21.34
CA TRP A 141 -19.69 13.57 -21.53
C TRP A 141 -18.60 14.37 -20.84
N LEU A 142 -18.82 15.68 -20.66
CA LEU A 142 -17.88 16.47 -19.89
C LEU A 142 -17.91 16.05 -18.43
N ARG A 143 -19.10 15.74 -17.93
CA ARG A 143 -19.22 15.42 -16.51
C ARG A 143 -18.44 14.18 -16.14
N VAL A 144 -18.45 13.16 -17.01
CA VAL A 144 -17.92 11.87 -16.59
C VAL A 144 -16.54 11.54 -17.15
N ALA A 145 -16.04 12.27 -18.13
CA ALA A 145 -14.70 11.95 -18.54
C ALA A 145 -13.70 13.03 -18.18
N ILE A 146 -14.18 14.23 -17.87
CA ILE A 146 -13.34 15.39 -17.66
C ILE A 146 -13.46 15.98 -16.25
N ALA A 147 -14.64 15.89 -15.65
CA ALA A 147 -14.70 16.43 -14.30
C ALA A 147 -14.43 15.35 -13.27
N ALA A 148 -14.99 14.17 -13.51
CA ALA A 148 -14.93 13.09 -12.53
C ALA A 148 -13.51 12.62 -12.25
N PRO A 149 -12.68 12.30 -13.24
CA PRO A 149 -11.32 11.85 -12.92
C PRO A 149 -10.55 12.88 -12.09
N ALA A 150 -10.56 14.13 -12.55
CA ALA A 150 -9.86 15.19 -11.81
C ALA A 150 -10.42 15.32 -10.39
N LEU A 151 -11.74 15.31 -10.26
CA LEU A 151 -12.33 15.44 -8.93
C LEU A 151 -12.08 14.19 -8.09
N TRP A 152 -12.13 13.02 -8.72
CA TRP A 152 -11.76 11.79 -8.03
C TRP A 152 -10.32 11.88 -7.53
N GLN A 153 -9.41 12.34 -8.39
CA GLN A 153 -8.03 12.52 -8.00
C GLN A 153 -7.91 13.39 -6.76
N VAL A 154 -8.67 14.47 -6.70
CA VAL A 154 -8.61 15.37 -5.54
C VAL A 154 -9.18 14.67 -4.31
N THR A 155 -10.38 14.10 -4.44
CA THR A 155 -11.02 13.47 -3.28
C THR A 155 -10.25 12.25 -2.81
N GLU A 156 -9.77 11.43 -3.76
CA GLU A 156 -8.97 10.27 -3.36
C GLU A 156 -7.65 10.71 -2.75
N PHE A 157 -7.04 11.76 -3.30
CA PHE A 157 -5.88 12.36 -2.65
C PHE A 157 -6.22 12.78 -1.23
N LEU A 158 -7.39 13.39 -1.03
CA LEU A 158 -7.76 13.87 0.29
C LEU A 158 -7.96 12.72 1.26
N ARG A 159 -8.55 11.62 0.79
CA ARG A 159 -8.73 10.45 1.66
C ARG A 159 -7.39 9.95 2.18
N GLY A 160 -6.37 9.95 1.33
CA GLY A 160 -5.05 9.46 1.72
C GLY A 160 -4.23 10.39 2.59
N TRP A 161 -4.60 11.66 2.70
CA TRP A 161 -3.78 12.67 3.37
C TRP A 161 -4.34 13.14 4.71
N VAL A 162 -5.65 13.34 4.80
CA VAL A 162 -6.24 13.93 5.98
C VAL A 162 -6.03 13.01 7.18
N LEU A 163 -5.70 13.60 8.33
CA LEU A 163 -5.49 12.84 9.56
C LEU A 163 -4.50 11.70 9.36
N THR A 164 -3.39 11.99 8.67
CA THR A 164 -2.35 10.98 8.37
C THR A 164 -2.92 9.83 7.52
N GLY A 165 -3.57 10.19 6.41
CA GLY A 165 -4.66 9.40 5.84
C GLY A 165 -4.32 8.03 5.23
N PHE A 166 -5.39 7.24 5.14
CA PHE A 166 -5.52 5.84 4.71
C PHE A 166 -5.95 5.69 3.25
N PRO A 167 -4.99 5.54 2.27
CA PRO A 167 -5.35 5.39 0.83
C PRO A 167 -5.56 3.98 0.35
N TRP A 168 -6.26 3.17 1.12
CA TRP A 168 -6.44 1.77 0.77
C TRP A 168 -7.46 1.66 -0.39
N LEU A 169 -7.34 0.58 -1.16
CA LEU A 169 -8.33 0.16 -2.19
C LEU A 169 -8.46 1.11 -3.39
N GLN A 170 -7.34 1.58 -3.95
CA GLN A 170 -7.37 2.33 -5.20
C GLN A 170 -7.35 1.39 -6.41
N PHE A 171 -8.31 1.58 -7.33
CA PHE A 171 -8.54 0.60 -8.39
C PHE A 171 -7.35 0.43 -9.33
N GLY A 172 -6.47 1.42 -9.41
CA GLY A 172 -5.28 1.26 -10.23
C GLY A 172 -4.44 0.06 -9.82
N TYR A 173 -4.44 -0.28 -8.52
CA TYR A 173 -3.69 -1.43 -8.06
C TYR A 173 -4.23 -2.74 -8.63
N SER A 174 -5.52 -2.78 -8.96
CA SER A 174 -6.09 -3.98 -9.57
C SER A 174 -5.58 -4.21 -10.98
N GLN A 175 -4.91 -3.25 -11.58
CA GLN A 175 -4.40 -3.37 -12.94
C GLN A 175 -2.97 -3.88 -13.00
N ILE A 176 -2.46 -4.43 -11.89
CA ILE A 176 -1.07 -4.85 -11.84
C ILE A 176 -0.77 -5.89 -12.92
N ASP A 177 -1.74 -6.75 -13.21
CA ASP A 177 -1.60 -7.75 -14.23
C ASP A 177 -2.56 -7.53 -15.39
N GLY A 178 -3.36 -6.46 -15.34
CA GLY A 178 -4.31 -6.15 -16.38
C GLY A 178 -3.68 -5.35 -17.50
N PRO A 179 -4.51 -4.88 -18.44
CA PRO A 179 -3.97 -4.24 -19.65
C PRO A 179 -3.33 -2.90 -19.42
N LEU A 180 -3.71 -2.22 -18.34
CA LEU A 180 -3.26 -0.86 -18.11
C LEU A 180 -1.95 -0.82 -17.37
N LYS A 181 -1.31 -1.98 -17.14
CA LYS A 181 -0.14 -2.02 -16.29
C LYS A 181 1.06 -1.30 -16.91
N GLY A 182 1.12 -1.20 -18.23
CA GLY A 182 2.22 -0.48 -18.84
C GLY A 182 2.22 1.02 -18.57
N LEU A 183 1.21 1.48 -17.87
CA LEU A 183 1.02 2.91 -17.64
C LEU A 183 1.62 3.39 -16.33
N ALA A 184 1.83 2.50 -15.39
CA ALA A 184 2.33 2.87 -14.06
C ALA A 184 3.78 3.33 -14.12
N PRO A 185 4.66 2.65 -14.88
CA PRO A 185 6.05 3.15 -15.02
C PRO A 185 6.15 4.58 -15.51
N ILE A 186 5.19 5.02 -16.31
CA ILE A 186 5.24 6.35 -16.88
C ILE A 186 4.61 7.39 -15.97
N MET A 187 3.47 7.07 -15.35
CA MET A 187 2.81 8.09 -14.56
C MET A 187 2.41 7.63 -13.16
N GLY A 188 2.60 6.37 -12.82
CA GLY A 188 2.25 5.92 -11.49
C GLY A 188 0.87 5.30 -11.43
N VAL A 189 0.56 4.79 -10.24
CA VAL A 189 -0.69 4.04 -10.05
C VAL A 189 -1.90 4.97 -10.09
N GLU A 190 -1.73 6.25 -9.72
CA GLU A 190 -2.86 7.17 -9.72
C GLU A 190 -3.28 7.55 -11.13
N ALA A 191 -2.36 7.50 -12.08
CA ALA A 191 -2.74 7.64 -13.48
C ALA A 191 -3.71 6.54 -13.88
N ILE A 192 -3.48 5.32 -13.38
CA ILE A 192 -4.40 4.24 -13.66
C ILE A 192 -5.73 4.45 -12.95
N ASN A 193 -5.68 4.96 -11.71
CA ASN A 193 -6.91 5.43 -11.07
C ASN A 193 -7.64 6.42 -11.95
N PHE A 194 -6.90 7.36 -12.54
CA PHE A 194 -7.49 8.42 -13.35
C PHE A 194 -8.16 7.84 -14.60
N LEU A 195 -7.42 7.03 -15.37
CA LEU A 195 -7.97 6.47 -16.59
C LEU A 195 -9.13 5.52 -16.30
N LEU A 196 -8.99 4.68 -15.28
CA LEU A 196 -10.07 3.74 -14.94
C LEU A 196 -11.35 4.48 -14.60
N MET A 197 -11.26 5.52 -13.77
CA MET A 197 -12.43 6.35 -13.49
C MET A 197 -12.99 6.96 -14.76
N MET A 198 -12.11 7.32 -15.69
CA MET A 198 -12.55 7.98 -16.92
C MET A 198 -13.20 7.00 -17.87
N VAL A 199 -12.53 5.89 -18.17
CA VAL A 199 -13.07 4.90 -19.09
C VAL A 199 -14.33 4.26 -18.52
N SER A 200 -14.34 3.97 -17.21
CA SER A 200 -15.55 3.46 -16.60
C SER A 200 -16.70 4.45 -16.72
N GLY A 201 -16.38 5.73 -16.86
CA GLY A 201 -17.43 6.73 -16.98
C GLY A 201 -18.06 6.78 -18.35
N LEU A 202 -17.26 6.68 -19.38
CA LEU A 202 -17.79 6.68 -20.72
C LEU A 202 -18.68 5.46 -20.95
N LEU A 203 -18.34 4.33 -20.34
CA LEU A 203 -19.23 3.18 -20.41
C LEU A 203 -20.56 3.47 -19.74
N ALA A 204 -20.53 4.06 -18.54
CA ALA A 204 -21.76 4.41 -17.85
C ALA A 204 -22.60 5.38 -18.67
N LEU A 205 -21.95 6.36 -19.32
CA LEU A 205 -22.69 7.30 -20.16
C LEU A 205 -23.33 6.60 -21.34
N ALA A 206 -22.61 5.63 -21.93
CA ALA A 206 -23.14 4.92 -23.09
C ALA A 206 -24.43 4.18 -22.74
N LEU A 207 -24.40 3.42 -21.65
CA LEU A 207 -25.59 2.68 -21.23
C LEU A 207 -26.78 3.61 -21.10
N VAL A 208 -26.70 4.49 -20.10
CA VAL A 208 -27.83 5.33 -19.74
C VAL A 208 -28.36 6.11 -20.94
N LYS A 209 -27.46 6.54 -21.81
CA LYS A 209 -27.91 7.29 -22.97
C LYS A 209 -27.99 6.42 -24.21
N ARG A 210 -27.66 5.13 -24.08
CA ARG A 210 -27.74 4.15 -25.18
C ARG A 210 -27.06 4.68 -26.43
N ASN A 211 -25.97 5.40 -26.21
CA ASN A 211 -25.20 6.07 -27.24
C ASN A 211 -23.89 5.33 -27.43
N TRP A 212 -23.56 5.04 -28.68
CA TRP A 212 -22.31 4.36 -28.99
C TRP A 212 -21.14 5.33 -29.09
N ARG A 213 -21.34 6.63 -28.80
CA ARG A 213 -20.25 7.58 -28.80
C ARG A 213 -19.27 7.34 -27.63
N PRO A 214 -19.75 7.32 -26.38
CA PRO A 214 -18.81 7.04 -25.26
C PRO A 214 -18.20 5.66 -25.34
N LEU A 215 -18.95 4.71 -25.87
CA LEU A 215 -18.43 3.35 -26.00
C LEU A 215 -17.21 3.30 -26.93
N VAL A 216 -17.25 4.03 -28.06
CA VAL A 216 -16.11 3.86 -28.97
C VAL A 216 -14.87 4.56 -28.43
N VAL A 217 -15.04 5.56 -27.57
CA VAL A 217 -13.92 6.17 -26.88
C VAL A 217 -13.37 5.23 -25.81
N ALA A 218 -14.26 4.76 -24.93
CA ALA A 218 -13.86 3.98 -23.77
C ALA A 218 -12.99 2.80 -24.16
N VAL A 219 -13.33 2.13 -25.27
CA VAL A 219 -12.45 1.02 -25.61
C VAL A 219 -11.15 1.51 -26.24
N VAL A 220 -11.12 2.61 -27.00
CA VAL A 220 -9.80 3.03 -27.50
C VAL A 220 -8.94 3.50 -26.33
N LEU A 221 -9.47 4.39 -25.50
CA LEU A 221 -8.75 4.87 -24.33
C LEU A 221 -8.25 3.72 -23.51
N PHE A 222 -9.12 2.76 -23.23
CA PHE A 222 -8.69 1.59 -22.49
C PHE A 222 -7.58 0.84 -23.20
N ALA A 223 -7.72 0.60 -24.49
CA ALA A 223 -6.76 -0.29 -25.13
C ALA A 223 -5.52 0.43 -25.61
N LEU A 224 -5.54 1.76 -25.66
CA LEU A 224 -4.38 2.51 -26.14
C LEU A 224 -3.11 2.20 -25.36
N PRO A 225 -3.11 2.18 -24.02
CA PRO A 225 -1.88 1.89 -23.27
C PRO A 225 -1.58 0.42 -23.09
N PHE A 226 -2.30 -0.45 -23.79
CA PHE A 226 -1.92 -1.85 -23.74
C PHE A 226 -0.51 -2.08 -24.28
N PRO A 227 -0.07 -1.46 -25.38
CA PRO A 227 1.31 -1.66 -25.85
C PRO A 227 2.36 -1.12 -24.91
N LEU A 228 1.98 -0.28 -23.94
CA LEU A 228 2.97 0.29 -23.04
C LEU A 228 3.66 -0.77 -22.22
N ARG A 229 2.95 -1.85 -21.87
CA ARG A 229 3.52 -2.91 -21.05
C ARG A 229 4.77 -3.52 -21.67
N TYR A 230 4.98 -3.32 -22.97
CA TYR A 230 6.12 -3.91 -23.65
C TYR A 230 7.39 -3.08 -23.53
N ILE A 231 7.27 -1.79 -23.23
CA ILE A 231 8.46 -0.95 -23.03
C ILE A 231 9.20 -1.43 -21.78
N GLN A 232 10.46 -1.79 -21.94
CA GLN A 232 11.31 -2.18 -20.81
C GLN A 232 12.23 -0.99 -20.50
N TRP A 233 11.89 -0.27 -19.43
CA TRP A 233 12.63 0.93 -19.03
C TRP A 233 13.93 0.63 -18.32
N PHE A 234 14.18 -0.64 -18.03
CA PHE A 234 15.31 -1.06 -17.22
C PHE A 234 16.17 -2.04 -18.04
N THR A 235 17.40 -2.19 -17.56
CA THR A 235 18.38 -3.11 -18.11
C THR A 235 18.81 -3.99 -16.95
N PRO A 236 18.71 -5.32 -17.02
CA PRO A 236 19.16 -6.14 -15.90
C PRO A 236 20.67 -6.33 -15.89
N GLN A 237 21.21 -6.62 -14.70
CA GLN A 237 22.64 -6.81 -14.50
C GLN A 237 22.94 -8.17 -13.91
N PRO A 238 23.14 -9.19 -14.77
CA PRO A 238 23.32 -10.57 -14.30
C PRO A 238 24.64 -10.83 -13.63
N GLU A 239 25.57 -9.92 -13.85
CA GLU A 239 26.85 -9.93 -13.16
C GLU A 239 26.66 -9.86 -11.66
N LYS A 240 25.74 -8.99 -11.24
CA LYS A 240 25.45 -8.73 -9.85
C LYS A 240 24.43 -9.69 -9.28
N THR A 241 24.07 -10.73 -10.02
CA THR A 241 23.08 -11.68 -9.53
C THR A 241 23.57 -12.30 -8.23
N ILE A 242 22.66 -12.40 -7.27
CA ILE A 242 23.02 -12.84 -5.93
C ILE A 242 21.97 -13.81 -5.41
N GLN A 243 22.39 -14.69 -4.50
CA GLN A 243 21.46 -15.53 -3.76
C GLN A 243 21.03 -14.79 -2.51
N VAL A 244 19.73 -14.67 -2.33
CA VAL A 244 19.14 -13.92 -1.22
C VAL A 244 18.26 -14.86 -0.41
N SER A 245 18.29 -14.68 0.91
CA SER A 245 17.48 -15.47 1.83
C SER A 245 16.64 -14.53 2.68
N MET A 246 15.37 -14.87 2.82
CA MET A 246 14.45 -14.16 3.69
C MET A 246 13.82 -15.20 4.60
N VAL A 247 13.88 -14.96 5.91
CA VAL A 247 13.43 -15.94 6.89
C VAL A 247 12.11 -15.46 7.48
N GLN A 248 11.10 -16.33 7.43
CA GLN A 248 9.74 -16.04 7.90
C GLN A 248 9.63 -16.69 9.29
N GLY A 249 9.87 -15.89 10.33
CA GLY A 249 9.98 -16.45 11.67
C GLY A 249 8.70 -17.01 12.23
N ASP A 250 7.55 -16.52 11.74
CA ASP A 250 6.23 -16.99 12.17
C ASP A 250 6.11 -16.95 13.70
N ILE A 251 6.45 -15.79 14.26
CA ILE A 251 6.26 -15.52 15.68
C ILE A 251 4.80 -15.16 15.89
N PRO A 252 4.05 -15.89 16.72
CA PRO A 252 2.65 -15.54 16.94
C PRO A 252 2.52 -14.17 17.60
N GLN A 253 1.56 -13.38 17.12
CA GLN A 253 1.45 -12.00 17.56
C GLN A 253 1.19 -11.91 19.06
N SER A 254 0.39 -12.84 19.61
CA SER A 254 0.07 -12.79 21.03
C SER A 254 1.31 -12.86 21.91
N LEU A 255 2.37 -13.49 21.42
CA LEU A 255 3.60 -13.67 22.19
C LEU A 255 4.75 -12.81 21.71
N LYS A 256 4.65 -12.21 20.52
CA LYS A 256 5.79 -11.55 19.88
C LYS A 256 6.52 -10.61 20.83
N TRP A 257 5.80 -9.72 21.49
CA TRP A 257 6.42 -8.73 22.36
C TRP A 257 6.48 -9.17 23.82
N ASP A 258 6.10 -10.41 24.11
CA ASP A 258 6.30 -10.92 25.46
C ASP A 258 7.79 -11.04 25.74
N GLU A 259 8.19 -10.62 26.94
CA GLU A 259 9.60 -10.63 27.30
C GLU A 259 10.17 -12.03 27.37
N GLY A 260 9.34 -13.01 27.74
CA GLY A 260 9.79 -14.41 27.72
C GLY A 260 9.93 -15.01 26.33
N GLN A 261 9.45 -14.30 25.30
CA GLN A 261 9.53 -14.79 23.94
C GLN A 261 10.88 -14.52 23.29
N LEU A 262 11.70 -13.63 23.87
CA LEU A 262 12.84 -13.08 23.15
C LEU A 262 13.87 -14.14 22.81
N LEU A 263 14.31 -14.93 23.82
CA LEU A 263 15.33 -15.94 23.59
C LEU A 263 14.92 -16.88 22.45
N ASN A 264 13.67 -17.33 22.47
CA ASN A 264 13.20 -18.24 21.43
C ASN A 264 13.21 -17.57 20.06
N THR A 265 12.73 -16.33 19.99
CA THR A 265 12.76 -15.60 18.73
C THR A 265 14.18 -15.44 18.21
N LEU A 266 15.12 -15.11 19.10
CA LEU A 266 16.51 -14.98 18.68
C LEU A 266 17.06 -16.32 18.19
N LYS A 267 16.72 -17.41 18.88
CA LYS A 267 17.14 -18.75 18.46
C LYS A 267 16.53 -19.12 17.11
N ILE A 268 15.24 -18.82 16.92
CA ILE A 268 14.60 -19.12 15.65
C ILE A 268 15.32 -18.43 14.50
N TYR A 269 15.51 -17.12 14.62
CA TYR A 269 16.12 -16.38 13.52
C TYR A 269 17.60 -16.72 13.36
N TYR A 270 18.33 -16.88 14.47
CA TYR A 270 19.74 -17.21 14.35
C TYR A 270 19.94 -18.59 13.70
N ASN A 271 19.28 -19.61 14.24
CA ASN A 271 19.45 -20.97 13.73
C ASN A 271 19.15 -21.06 12.24
N ALA A 272 18.21 -20.26 11.75
CA ALA A 272 17.83 -20.33 10.33
C ALA A 272 18.89 -19.72 9.43
N THR A 273 19.64 -18.77 9.96
CA THR A 273 20.58 -17.93 9.22
C THR A 273 21.98 -18.55 9.13
N ALA A 274 22.49 -19.08 10.25
CA ALA A 274 23.85 -19.61 10.29
C ALA A 274 24.17 -20.63 9.19
N PRO A 275 23.29 -21.58 8.85
CA PRO A 275 23.62 -22.50 7.73
C PRO A 275 23.63 -21.82 6.37
N LEU A 276 22.96 -20.68 6.22
CA LEU A 276 22.98 -19.95 4.96
C LEU A 276 24.15 -18.99 4.84
N MET A 277 24.86 -18.72 5.95
CA MET A 277 26.06 -17.90 5.89
C MET A 277 27.09 -18.53 4.96
N GLY A 278 27.57 -17.74 4.01
CA GLY A 278 28.49 -18.24 3.00
C GLY A 278 27.81 -18.83 1.79
N LYS A 279 26.49 -18.96 1.79
CA LYS A 279 25.72 -19.40 0.63
C LYS A 279 24.81 -18.31 0.10
N SER A 280 24.10 -17.63 0.99
CA SER A 280 23.31 -16.46 0.62
C SER A 280 24.09 -15.23 1.05
N SER A 281 24.36 -14.34 0.09
CA SER A 281 25.11 -13.13 0.40
C SER A 281 24.25 -12.13 1.15
N LEU A 282 22.95 -12.13 0.90
CA LEU A 282 22.01 -11.25 1.58
C LEU A 282 20.99 -12.11 2.32
N ILE A 283 20.79 -11.80 3.59
CA ILE A 283 19.80 -12.47 4.43
C ILE A 283 18.99 -11.38 5.13
N ILE A 284 17.66 -11.53 5.13
CA ILE A 284 16.76 -10.49 5.60
C ILE A 284 15.82 -11.06 6.65
N TRP A 285 15.70 -10.37 7.79
CA TRP A 285 14.69 -10.68 8.79
C TRP A 285 13.60 -9.61 8.76
N PRO A 286 12.36 -9.97 9.08
CA PRO A 286 11.25 -9.04 8.85
C PRO A 286 11.18 -7.91 9.86
N GLU A 287 10.10 -7.13 9.78
CA GLU A 287 9.93 -5.94 10.62
C GLU A 287 10.03 -6.29 12.10
N SER A 288 10.73 -5.43 12.84
CA SER A 288 10.96 -5.57 14.28
C SER A 288 11.18 -7.03 14.66
N ALA A 289 11.94 -7.75 13.85
CA ALA A 289 12.18 -9.16 14.10
C ALA A 289 12.86 -9.35 15.45
N ILE A 290 13.85 -8.52 15.75
CA ILE A 290 14.53 -8.56 17.03
C ILE A 290 13.72 -7.70 17.98
N THR A 291 12.98 -8.33 18.88
CA THR A 291 12.03 -7.60 19.71
C THR A 291 12.67 -7.11 21.00
N ASP A 292 13.67 -6.25 20.82
CA ASP A 292 14.35 -5.69 21.97
C ASP A 292 15.09 -4.45 21.50
N LEU A 293 15.30 -3.54 22.45
CA LEU A 293 16.04 -2.33 22.12
C LEU A 293 17.42 -2.68 21.60
N GLU A 294 17.81 -2.03 20.50
CA GLU A 294 19.10 -2.33 19.88
C GLU A 294 20.24 -2.24 20.89
N ILE A 295 20.17 -1.28 21.82
CA ILE A 295 21.24 -1.10 22.79
C ILE A 295 21.32 -2.28 23.77
N ASN A 296 20.23 -3.03 23.93
CA ASN A 296 20.22 -4.17 24.85
C ASN A 296 20.74 -5.46 24.21
N GLN A 297 21.07 -5.46 22.93
CA GLN A 297 21.48 -6.68 22.24
C GLN A 297 22.85 -6.54 21.59
N GLN A 298 23.71 -5.69 22.16
CA GLN A 298 25.03 -5.48 21.59
C GLN A 298 25.86 -6.76 21.50
N PRO A 299 25.94 -7.61 22.52
CA PRO A 299 26.73 -8.85 22.36
C PRO A 299 26.21 -9.75 21.25
N PHE A 300 24.90 -9.97 21.19
CA PHE A 300 24.32 -10.76 20.11
C PHE A 300 24.66 -10.15 18.75
N LEU A 301 24.35 -8.86 18.57
CA LEU A 301 24.57 -8.21 17.28
C LEU A 301 26.04 -8.23 16.89
N LYS A 302 26.94 -7.98 17.85
CA LYS A 302 28.35 -7.94 17.52
C LYS A 302 28.86 -9.32 17.10
N ALA A 303 28.56 -10.35 17.90
CA ALA A 303 28.99 -11.70 17.54
C ALA A 303 28.37 -12.14 16.23
N LEU A 304 27.10 -11.83 16.04
CA LEU A 304 26.42 -12.18 14.79
C LEU A 304 27.10 -11.51 13.60
N ASP A 305 27.40 -10.22 13.72
CA ASP A 305 28.09 -9.48 12.66
C ASP A 305 29.44 -10.09 12.34
N GLY A 306 30.20 -10.49 13.37
CA GLY A 306 31.50 -11.07 13.10
C GLY A 306 31.40 -12.35 12.32
N GLU A 307 30.44 -13.20 12.72
CA GLU A 307 30.20 -14.49 12.08
C GLU A 307 29.82 -14.32 10.61
N LEU A 308 29.01 -13.32 10.33
CA LEU A 308 28.55 -13.00 8.98
C LEU A 308 29.70 -12.56 8.10
N ARG A 309 30.51 -11.64 8.63
CA ARG A 309 31.62 -11.08 7.86
C ARG A 309 32.64 -12.15 7.51
N ASP A 310 32.89 -13.08 8.45
CA ASP A 310 33.78 -14.21 8.19
C ASP A 310 33.27 -15.11 7.09
N LYS A 311 31.96 -15.17 6.91
CA LYS A 311 31.43 -16.07 5.90
C LYS A 311 31.12 -15.34 4.60
N GLY A 312 31.19 -14.03 4.61
CA GLY A 312 30.92 -13.26 3.43
C GLY A 312 29.49 -12.85 3.24
N SER A 313 28.64 -13.00 4.25
CA SER A 313 27.25 -12.65 4.07
C SER A 313 26.91 -11.37 4.84
N SER A 314 25.81 -10.76 4.42
CA SER A 314 25.28 -9.58 5.07
C SER A 314 23.85 -9.85 5.49
N LEU A 315 23.42 -9.18 6.55
CA LEU A 315 22.09 -9.40 7.11
C LEU A 315 21.41 -8.07 7.35
N VAL A 316 20.14 -8.01 7.00
CA VAL A 316 19.32 -6.81 7.15
C VAL A 316 18.11 -7.24 7.98
N THR A 317 17.88 -6.56 9.12
CA THR A 317 16.81 -7.00 10.00
C THR A 317 16.15 -5.83 10.72
N GLY A 318 14.89 -6.04 11.10
CA GLY A 318 14.19 -5.03 11.86
C GLY A 318 14.50 -5.15 13.33
N ILE A 319 14.38 -4.03 14.04
CA ILE A 319 14.72 -3.98 15.46
C ILE A 319 14.10 -2.70 16.00
N VAL A 320 13.93 -2.65 17.29
CA VAL A 320 13.42 -1.45 17.91
C VAL A 320 14.61 -0.71 18.48
N ASP A 321 14.61 0.61 18.36
CA ASP A 321 15.77 1.40 18.80
C ASP A 321 15.29 2.65 19.50
N ALA A 322 15.52 2.73 20.81
CA ALA A 322 15.29 3.96 21.55
C ALA A 322 16.60 4.75 21.59
N ARG A 323 16.57 5.97 21.05
CA ARG A 323 17.79 6.75 20.90
C ARG A 323 17.62 8.14 21.47
N LEU A 324 18.65 8.58 22.20
CA LEU A 324 18.65 9.86 22.90
C LEU A 324 18.66 11.03 21.93
N ASN A 325 17.81 12.02 22.18
CA ASN A 325 17.66 13.19 21.30
C ASN A 325 18.31 14.44 21.91
N LYS A 326 18.32 15.50 21.11
CA LYS A 326 18.90 16.77 21.54
C LYS A 326 18.43 17.20 22.93
N GLN A 327 17.14 17.02 23.23
CA GLN A 327 16.59 17.53 24.47
C GLN A 327 16.69 16.52 25.61
N ASN A 328 17.59 15.54 25.50
CA ASN A 328 17.80 14.50 26.51
C ASN A 328 16.53 13.70 26.77
N ARG A 329 15.87 13.31 25.69
CA ARG A 329 14.75 12.39 25.77
C ARG A 329 14.95 11.29 24.75
N TYR A 330 14.17 10.23 24.87
CA TYR A 330 14.35 9.06 24.04
C TYR A 330 13.26 8.97 22.98
N ASP A 331 13.68 8.94 21.72
CA ASP A 331 12.79 8.60 20.63
C ASP A 331 13.00 7.13 20.29
N THR A 332 11.94 6.34 20.43
CA THR A 332 11.98 4.93 20.04
C THR A 332 11.57 4.81 18.58
N TYR A 333 12.41 4.13 17.80
CA TYR A 333 12.18 4.01 16.37
C TYR A 333 11.92 2.55 15.98
N ASN A 334 11.09 2.37 14.96
CA ASN A 334 10.91 1.10 14.28
C ASN A 334 11.92 1.07 13.14
N THR A 335 13.00 0.29 13.30
CA THR A 335 14.18 0.48 12.48
C THR A 335 14.69 -0.82 11.86
N ILE A 336 15.36 -0.67 10.71
CA ILE A 336 16.14 -1.71 10.06
C ILE A 336 17.61 -1.44 10.32
N ILE A 337 18.37 -2.49 10.65
CA ILE A 337 19.82 -2.39 10.78
C ILE A 337 20.43 -3.42 9.83
N THR A 338 21.70 -3.18 9.46
CA THR A 338 22.42 -4.09 8.59
C THR A 338 23.67 -4.60 9.31
N LEU A 339 24.12 -5.80 8.94
CA LEU A 339 25.27 -6.43 9.58
C LEU A 339 26.04 -7.26 8.57
N GLY A 340 27.29 -7.56 8.90
CA GLY A 340 28.08 -8.49 8.13
C GLY A 340 28.95 -7.86 7.07
N LYS A 341 29.21 -8.60 6.00
CA LYS A 341 30.15 -8.15 4.99
C LYS A 341 29.74 -6.79 4.44
N GLY A 342 30.72 -5.93 4.19
CA GLY A 342 30.49 -4.63 3.57
C GLY A 342 29.32 -3.81 4.12
N ALA A 343 29.00 -4.07 5.38
CA ALA A 343 27.97 -3.44 6.21
C ALA A 343 28.24 -3.74 7.68
N PRO A 344 29.45 -3.45 8.19
CA PRO A 344 29.77 -3.79 9.58
C PRO A 344 28.82 -3.17 10.60
N TYR A 345 28.38 -3.98 11.55
CA TYR A 345 27.46 -3.47 12.56
C TYR A 345 28.20 -2.59 13.58
N SER A 346 27.56 -1.48 13.92
CA SER A 346 27.95 -0.63 15.03
C SER A 346 26.71 0.11 15.48
N TYR A 347 26.57 0.34 16.79
CA TYR A 347 25.48 1.19 17.24
C TYR A 347 25.61 2.59 16.66
N GLU A 348 26.81 2.96 16.24
CA GLU A 348 27.04 4.25 15.60
C GLU A 348 26.90 4.18 14.11
N SER A 349 26.53 3.02 13.57
CA SER A 349 26.42 2.87 12.13
C SER A 349 25.31 3.74 11.58
N ALA A 350 25.58 4.34 10.44
CA ALA A 350 24.58 5.13 9.73
C ALA A 350 23.80 4.29 8.74
N ASP A 351 24.18 3.03 8.59
CA ASP A 351 23.56 2.10 7.65
C ASP A 351 22.32 1.52 8.31
N ARG A 352 21.25 2.31 8.29
CA ARG A 352 20.03 1.94 9.00
C ARG A 352 18.90 2.79 8.46
N TYR A 353 17.67 2.36 8.76
CA TYR A 353 16.48 3.06 8.32
C TYR A 353 15.49 3.11 9.47
N ASN A 354 14.90 4.29 9.71
CA ASN A 354 13.92 4.48 10.76
C ASN A 354 12.56 4.74 10.12
N LYS A 355 11.56 3.94 10.48
CA LYS A 355 10.23 4.10 9.92
C LYS A 355 9.73 5.53 10.10
N ASN A 356 9.22 6.10 9.01
CA ASN A 356 8.75 7.48 8.99
C ASN A 356 7.24 7.60 9.14
N HIS A 357 6.49 6.82 8.37
CA HIS A 357 5.03 6.85 8.44
C HIS A 357 4.55 5.77 9.40
N LEU A 358 3.89 6.20 10.47
CA LEU A 358 3.46 5.30 11.53
C LEU A 358 1.96 5.03 11.43
N VAL A 359 1.59 3.77 11.59
CA VAL A 359 0.18 3.37 11.50
C VAL A 359 -0.58 3.90 12.71
N PRO A 360 -1.68 4.63 12.52
CA PRO A 360 -2.44 5.13 13.67
C PRO A 360 -2.94 4.00 14.56
N PHE A 361 -2.95 4.28 15.88
CA PHE A 361 -3.31 3.36 16.97
C PHE A 361 -2.35 2.19 17.11
N GLY A 362 -1.78 1.73 16.01
CA GLY A 362 -0.81 0.66 16.07
C GLY A 362 0.54 1.11 16.58
N GLU A 363 1.06 2.22 16.07
CA GLU A 363 2.37 2.68 16.50
C GLU A 363 2.32 3.99 17.27
N PHE A 364 1.21 4.69 17.22
CA PHE A 364 1.04 5.87 18.06
C PHE A 364 -0.44 6.03 18.34
N VAL A 365 -0.74 6.64 19.47
CA VAL A 365 -2.10 6.88 19.92
C VAL A 365 -2.39 8.37 19.76
N PRO A 366 -3.52 8.74 19.12
CA PRO A 366 -3.82 10.16 18.76
C PRO A 366 -4.08 11.07 19.94
N LEU A 367 -4.66 10.53 20.99
CA LEU A 367 -4.92 11.29 22.21
C LEU A 367 -4.56 10.32 23.31
N GLU A 368 -3.28 10.28 23.69
CA GLU A 368 -2.89 9.28 24.69
C GLU A 368 -3.31 9.74 26.07
N SER A 369 -3.15 11.03 26.34
CA SER A 369 -3.62 11.64 27.57
C SER A 369 -5.05 11.23 27.88
N ILE A 370 -5.86 10.98 26.86
CA ILE A 370 -7.24 10.56 27.08
C ILE A 370 -7.50 9.13 26.54
N LEU A 371 -6.82 8.71 25.46
CA LEU A 371 -7.19 7.42 24.85
C LEU A 371 -6.37 6.23 25.34
N ARG A 372 -5.11 6.40 25.72
CA ARG A 372 -4.33 5.24 26.19
C ARG A 372 -5.02 4.46 27.30
N PRO A 373 -5.63 5.11 28.30
CA PRO A 373 -6.29 4.39 29.39
C PRO A 373 -7.47 3.50 28.98
N LEU A 374 -8.23 3.89 27.96
CA LEU A 374 -9.55 3.31 27.73
C LEU A 374 -9.51 1.79 27.58
N ALA A 375 -8.58 1.27 26.79
CA ALA A 375 -8.63 -0.15 26.47
C ALA A 375 -7.24 -0.63 26.07
N PRO A 376 -6.98 -1.95 26.17
CA PRO A 376 -5.75 -2.54 25.62
C PRO A 376 -5.64 -2.44 24.12
N PHE A 377 -6.66 -1.89 23.47
CA PHE A 377 -6.47 -1.56 22.07
C PHE A 377 -5.75 -0.23 21.97
N PHE A 378 -6.01 0.66 22.88
CA PHE A 378 -5.33 1.93 22.83
C PHE A 378 -4.02 1.88 23.55
N ASP A 379 -3.74 0.78 24.18
CA ASP A 379 -2.40 0.56 24.68
C ASP A 379 -2.12 -0.83 24.14
N LEU A 380 -1.26 -0.87 23.15
CA LEU A 380 -0.75 -2.06 22.55
C LEU A 380 0.74 -2.02 22.82
N PRO A 381 1.38 -3.17 22.96
CA PRO A 381 2.83 -3.20 23.10
C PRO A 381 3.50 -2.36 22.01
N MET A 382 4.51 -1.59 22.39
CA MET A 382 5.32 -0.79 21.47
C MET A 382 4.48 0.15 20.61
N SER A 383 3.56 0.87 21.23
CA SER A 383 2.74 1.75 20.41
C SER A 383 3.00 3.22 20.66
N SER A 384 4.16 3.53 21.20
CA SER A 384 4.67 4.89 21.21
C SER A 384 5.94 4.77 20.39
N PHE A 385 6.00 5.52 19.30
CA PHE A 385 7.15 5.50 18.41
C PHE A 385 7.33 6.92 17.94
N SER A 386 8.53 7.20 17.46
CA SER A 386 8.84 8.45 16.81
C SER A 386 9.07 8.18 15.33
N ARG A 387 9.05 9.25 14.54
CA ARG A 387 9.15 9.10 13.10
C ARG A 387 10.54 9.50 12.62
N GLY A 388 11.12 8.67 11.76
CA GLY A 388 12.35 9.02 11.09
C GLY A 388 12.10 10.03 9.99
N PRO A 389 13.19 10.45 9.35
CA PRO A 389 13.07 11.46 8.29
C PRO A 389 12.25 10.94 7.12
N TYR A 390 11.60 11.88 6.43
CA TYR A 390 10.80 11.51 5.27
C TYR A 390 11.68 10.92 4.16
N ILE A 391 12.90 11.43 4.02
CA ILE A 391 13.85 10.96 3.02
C ILE A 391 15.04 10.37 3.77
N GLN A 392 15.44 9.17 3.41
CA GLN A 392 16.62 8.54 4.01
C GLN A 392 17.42 7.82 2.94
N PRO A 393 18.73 7.68 3.14
CA PRO A 393 19.57 7.04 2.12
C PRO A 393 19.40 5.54 2.10
N PRO A 394 19.82 4.89 1.01
CA PRO A 394 19.66 3.45 0.86
C PRO A 394 20.48 2.66 1.89
N LEU A 395 19.96 1.48 2.22
CA LEU A 395 20.76 0.56 3.01
C LEU A 395 21.85 0.00 2.12
N SER A 396 23.08 0.07 2.58
CA SER A 396 24.18 -0.42 1.78
C SER A 396 24.59 -1.76 2.37
N ALA A 397 24.61 -2.78 1.56
CA ALA A 397 24.98 -4.10 2.06
C ALA A 397 25.85 -4.72 0.99
N ASN A 398 27.14 -4.84 1.30
CA ASN A 398 28.08 -5.51 0.40
C ASN A 398 28.03 -4.91 -1.01
N GLY A 399 27.78 -3.61 -1.13
CA GLY A 399 27.73 -2.99 -2.43
C GLY A 399 26.35 -2.90 -3.05
N ILE A 400 25.35 -3.59 -2.50
CA ILE A 400 23.95 -3.48 -2.94
C ILE A 400 23.29 -2.31 -2.25
N GLU A 401 22.70 -1.40 -3.03
CA GLU A 401 21.82 -0.38 -2.43
C GLU A 401 20.45 -0.97 -2.16
N LEU A 402 19.85 -0.56 -1.06
CA LEU A 402 18.51 -1.06 -0.75
C LEU A 402 17.62 0.13 -0.44
N THR A 403 16.58 0.34 -1.24
CA THR A 403 15.63 1.38 -0.86
C THR A 403 14.56 0.75 0.00
N ALA A 404 14.34 1.30 1.18
CA ALA A 404 13.63 0.60 2.22
C ALA A 404 12.34 1.31 2.60
N ALA A 405 11.30 0.51 2.82
CA ALA A 405 10.01 0.95 3.33
C ALA A 405 9.59 -0.08 4.37
N ILE A 406 8.99 0.34 5.49
CA ILE A 406 8.70 -0.61 6.56
C ILE A 406 7.20 -0.81 6.68
N CYS A 407 6.78 -2.06 6.49
CA CYS A 407 5.39 -2.48 6.56
C CYS A 407 4.58 -1.66 5.59
N TYR A 408 3.84 -0.73 6.18
CA TYR A 408 2.80 0.03 5.53
C TYR A 408 3.33 1.03 4.52
N GLU A 409 4.50 1.59 4.81
CA GLU A 409 5.10 2.61 3.95
C GLU A 409 5.17 2.20 2.49
N ILE A 410 5.13 0.89 2.20
CA ILE A 410 5.31 0.50 0.80
C ILE A 410 4.11 0.90 -0.05
N ILE A 411 2.95 1.17 0.54
CA ILE A 411 1.79 1.56 -0.27
C ILE A 411 1.81 3.03 -0.65
N LEU A 412 2.77 3.80 -0.14
CA LEU A 412 2.86 5.24 -0.41
C LEU A 412 3.80 5.45 -1.59
N GLY A 413 3.24 5.38 -2.81
CA GLY A 413 4.07 5.31 -4.00
C GLY A 413 4.95 6.52 -4.20
N GLU A 414 4.44 7.72 -3.86
CA GLU A 414 5.25 8.91 -4.03
C GLU A 414 6.41 8.94 -3.04
N GLN A 415 6.18 8.45 -1.81
CA GLN A 415 7.24 8.46 -0.81
C GLN A 415 8.35 7.48 -1.17
N VAL A 416 7.99 6.28 -1.61
CA VAL A 416 9.02 5.33 -2.02
C VAL A 416 9.82 5.88 -3.19
N ARG A 417 9.14 6.50 -4.16
CA ARG A 417 9.81 7.07 -5.32
C ARG A 417 10.77 8.19 -4.92
N ASP A 418 10.39 8.99 -3.91
CA ASP A 418 11.26 10.07 -3.47
C ASP A 418 12.50 9.56 -2.74
N ASN A 419 12.37 8.42 -2.05
CA ASN A 419 13.54 7.79 -1.45
C ASN A 419 14.36 7.01 -2.47
N PHE A 420 13.76 6.66 -3.60
CA PHE A 420 14.44 5.91 -4.65
C PHE A 420 15.60 6.72 -5.21
N ARG A 421 16.67 6.02 -5.58
CA ARG A 421 17.86 6.61 -6.17
C ARG A 421 18.21 5.85 -7.45
N PRO A 422 18.87 6.51 -8.40
CA PRO A 422 19.29 5.81 -9.61
C PRO A 422 20.18 4.59 -9.36
N ASP A 423 21.03 4.64 -8.33
CA ASP A 423 21.92 3.53 -8.04
C ASP A 423 21.28 2.46 -7.14
N THR A 424 20.01 2.62 -6.80
CA THR A 424 19.28 1.58 -6.09
C THR A 424 19.31 0.28 -6.87
N ASP A 425 19.63 -0.82 -6.18
CA ASP A 425 19.64 -2.14 -6.79
C ASP A 425 18.34 -2.90 -6.55
N TYR A 426 17.80 -2.85 -5.34
CA TYR A 426 16.54 -3.50 -5.01
C TYR A 426 15.70 -2.58 -4.15
N LEU A 427 14.38 -2.72 -4.28
CA LEU A 427 13.48 -2.23 -3.25
C LEU A 427 13.40 -3.26 -2.13
N LEU A 428 13.40 -2.79 -0.89
CA LEU A 428 13.31 -3.66 0.27
C LEU A 428 12.12 -3.22 1.12
N THR A 429 11.30 -4.19 1.53
CA THR A 429 10.26 -3.92 2.50
C THR A 429 10.15 -5.10 3.45
N ILE A 430 10.07 -4.79 4.73
CA ILE A 430 9.89 -5.81 5.76
C ILE A 430 8.65 -5.45 6.55
N SER A 431 7.86 -6.47 6.92
CA SER A 431 6.54 -6.22 7.47
C SER A 431 6.15 -7.35 8.41
N ASN A 432 5.23 -7.03 9.32
CA ASN A 432 4.59 -8.02 10.19
C ASN A 432 3.09 -7.88 10.01
N ASP A 433 2.50 -8.79 9.24
CA ASP A 433 1.06 -8.80 8.99
C ASP A 433 0.34 -9.82 9.86
N ALA A 434 0.89 -10.19 11.01
CA ALA A 434 0.27 -11.25 11.80
C ALA A 434 -1.00 -10.78 12.50
N TRP A 435 -1.24 -9.48 12.47
CA TRP A 435 -2.40 -8.90 13.14
C TRP A 435 -3.69 -9.33 12.47
N PHE A 436 -3.65 -9.47 11.15
CA PHE A 436 -4.84 -9.61 10.34
C PHE A 436 -5.21 -11.05 10.10
N GLY A 437 -4.42 -12.00 10.62
CA GLY A 437 -4.84 -13.37 10.60
C GLY A 437 -4.82 -14.06 9.25
N LYS A 438 -5.96 -14.58 8.81
CA LYS A 438 -6.08 -15.22 7.50
C LYS A 438 -7.03 -14.43 6.61
N SER A 439 -7.12 -13.13 6.83
CA SER A 439 -8.03 -12.30 6.08
C SER A 439 -7.40 -11.91 4.75
N ILE A 440 -8.12 -11.06 4.00
CA ILE A 440 -7.65 -10.58 2.71
C ILE A 440 -6.72 -9.39 2.81
N GLY A 441 -6.55 -8.83 4.01
CA GLY A 441 -5.71 -7.68 4.22
C GLY A 441 -4.29 -7.87 3.70
N PRO A 442 -3.59 -8.87 4.23
CA PRO A 442 -2.23 -9.16 3.74
C PRO A 442 -2.12 -9.26 2.22
N TRP A 443 -3.16 -9.72 1.54
CA TRP A 443 -3.10 -9.82 0.08
C TRP A 443 -3.26 -8.45 -0.58
N GLN A 444 -4.21 -7.65 -0.10
CA GLN A 444 -4.31 -6.27 -0.56
C GLN A 444 -2.99 -5.55 -0.34
N HIS A 445 -2.41 -5.68 0.85
CA HIS A 445 -1.10 -5.10 1.15
C HIS A 445 -0.05 -5.60 0.17
N PHE A 446 0.02 -6.91 -0.03
CA PHE A 446 1.04 -7.50 -0.90
C PHE A 446 0.88 -7.00 -2.34
N GLN A 447 -0.35 -6.82 -2.79
CA GLN A 447 -0.60 -6.38 -4.16
C GLN A 447 -0.11 -4.96 -4.39
N MET A 448 -0.33 -4.08 -3.42
CA MET A 448 0.11 -2.71 -3.57
C MET A 448 1.61 -2.61 -3.59
N ALA A 449 2.29 -3.42 -2.78
CA ALA A 449 3.75 -3.46 -2.82
C ALA A 449 4.25 -3.78 -4.23
N ARG A 450 3.56 -4.71 -4.92
CA ARG A 450 3.97 -5.08 -6.27
C ARG A 450 3.98 -3.89 -7.21
N MET A 451 3.06 -2.94 -7.03
CA MET A 451 3.01 -1.77 -7.89
C MET A 451 4.29 -0.94 -7.80
N ARG A 452 4.94 -0.92 -6.63
CA ARG A 452 6.17 -0.13 -6.48
C ARG A 452 7.28 -0.70 -7.35
N ALA A 453 7.42 -2.03 -7.41
CA ALA A 453 8.43 -2.63 -8.27
C ALA A 453 8.13 -2.38 -9.74
N LEU A 454 6.85 -2.31 -10.12
CA LEU A 454 6.50 -2.01 -11.50
C LEU A 454 6.74 -0.54 -11.82
N GLU A 455 6.41 0.35 -10.88
CA GLU A 455 6.57 1.78 -11.11
C GLU A 455 8.02 2.19 -11.28
N LEU A 456 8.93 1.53 -10.57
CA LEU A 456 10.33 1.94 -10.52
C LEU A 456 11.27 0.97 -11.25
N ALA A 457 10.75 -0.16 -11.74
CA ALA A 457 11.50 -1.11 -12.55
C ALA A 457 12.73 -1.65 -11.82
N ARG A 458 12.52 -2.07 -10.57
CA ARG A 458 13.54 -2.81 -9.84
C ARG A 458 12.87 -3.95 -9.08
N PRO A 459 13.58 -5.06 -8.87
CA PRO A 459 13.04 -6.13 -8.05
C PRO A 459 12.74 -5.64 -6.64
N LEU A 460 11.76 -6.28 -6.00
CA LEU A 460 11.40 -5.98 -4.63
C LEU A 460 11.55 -7.23 -3.78
N LEU A 461 12.26 -7.10 -2.67
CA LEU A 461 12.39 -8.17 -1.69
C LEU A 461 11.43 -7.86 -0.53
N ARG A 462 10.53 -8.79 -0.25
CA ARG A 462 9.56 -8.62 0.83
C ARG A 462 9.78 -9.71 1.88
N SER A 463 10.21 -9.30 3.07
CA SER A 463 10.43 -10.19 4.19
C SER A 463 9.36 -9.91 5.24
N THR A 464 8.62 -10.94 5.62
CA THR A 464 7.56 -10.77 6.59
C THR A 464 7.68 -11.82 7.68
N ASN A 465 6.94 -11.59 8.75
CA ASN A 465 6.93 -12.48 9.90
C ASN A 465 6.14 -13.75 9.60
N ASN A 466 4.98 -13.61 8.97
CA ASN A 466 4.18 -14.75 8.57
C ASN A 466 3.35 -14.35 7.35
N GLY A 467 3.39 -13.04 7.03
CA GLY A 467 2.67 -12.49 5.90
C GLY A 467 3.35 -12.84 4.60
N ILE A 468 2.83 -12.31 3.49
CA ILE A 468 3.33 -12.81 2.21
C ILE A 468 4.78 -12.36 2.03
N THR A 469 5.68 -13.33 2.02
CA THR A 469 7.10 -13.13 1.82
C THR A 469 7.42 -13.51 0.38
N ALA A 470 8.05 -12.61 -0.38
CA ALA A 470 8.25 -12.91 -1.79
C ALA A 470 9.31 -12.01 -2.41
N VAL A 471 9.75 -12.42 -3.59
CA VAL A 471 10.58 -11.62 -4.48
C VAL A 471 9.71 -11.21 -5.67
N ILE A 472 9.65 -9.91 -5.93
CA ILE A 472 8.87 -9.36 -7.04
C ILE A 472 9.84 -8.86 -8.11
N GLY A 473 9.53 -9.16 -9.37
CA GLY A 473 10.38 -8.77 -10.49
C GLY A 473 10.24 -7.32 -10.86
N PRO A 474 11.12 -6.86 -11.77
CA PRO A 474 11.10 -5.43 -12.16
C PRO A 474 9.84 -5.02 -12.90
N GLN A 475 9.19 -5.93 -13.61
CA GLN A 475 7.93 -5.62 -14.29
C GLN A 475 6.73 -5.86 -13.40
N GLY A 476 6.94 -6.04 -12.11
CA GLY A 476 5.86 -6.33 -11.20
C GLY A 476 5.49 -7.79 -11.11
N GLU A 477 6.15 -8.64 -11.88
CA GLU A 477 5.84 -10.06 -11.86
C GLU A 477 6.34 -10.67 -10.55
N ILE A 478 5.73 -11.76 -10.17
CA ILE A 478 6.19 -12.47 -8.99
C ILE A 478 7.24 -13.48 -9.42
N GLN A 479 8.41 -13.42 -8.80
CA GLN A 479 9.49 -14.35 -9.12
C GLN A 479 9.47 -15.58 -8.22
N ALA A 480 9.20 -15.39 -6.94
CA ALA A 480 9.18 -16.48 -5.98
C ALA A 480 8.41 -16.02 -4.76
N MET A 481 7.75 -16.96 -4.09
CA MET A 481 7.08 -16.63 -2.84
C MET A 481 6.90 -17.91 -2.03
N ILE A 482 6.64 -17.74 -0.75
CA ILE A 482 6.40 -18.90 0.10
C ILE A 482 5.04 -18.76 0.75
N PRO A 483 4.47 -19.87 1.18
CA PRO A 483 3.14 -19.86 1.80
C PRO A 483 3.13 -19.16 3.15
N GLN A 484 1.94 -18.68 3.50
CA GLN A 484 1.74 -17.97 4.75
C GLN A 484 1.71 -18.95 5.93
N PHE A 485 1.82 -18.38 7.12
CA PHE A 485 1.60 -19.07 8.39
C PHE A 485 2.53 -20.26 8.58
N THR A 486 3.69 -20.27 7.92
CA THR A 486 4.68 -21.30 8.11
C THR A 486 5.99 -20.67 8.53
N ARG A 487 6.84 -21.47 9.19
CA ARG A 487 8.17 -21.04 9.61
C ARG A 487 9.17 -21.65 8.64
N GLU A 488 9.53 -20.89 7.62
CA GLU A 488 10.52 -21.32 6.66
C GLU A 488 11.24 -20.09 6.12
N VAL A 489 12.24 -20.33 5.28
CA VAL A 489 13.01 -19.25 4.68
C VAL A 489 12.96 -19.41 3.17
N LEU A 490 12.73 -18.31 2.49
CA LEU A 490 12.77 -18.24 1.04
C LEU A 490 14.19 -17.89 0.62
N THR A 491 14.82 -18.78 -0.13
CA THR A 491 16.10 -18.50 -0.77
C THR A 491 15.94 -18.67 -2.28
N THR A 492 16.34 -17.66 -3.03
CA THR A 492 16.29 -17.70 -4.48
C THR A 492 17.38 -16.79 -5.01
N ASN A 493 17.67 -16.93 -6.30
CA ASN A 493 18.53 -15.97 -6.97
C ASN A 493 17.70 -14.81 -7.45
N VAL A 494 18.22 -13.60 -7.24
CA VAL A 494 17.59 -12.37 -7.68
C VAL A 494 18.66 -11.53 -8.35
N THR A 495 18.28 -10.82 -9.41
CA THR A 495 19.22 -10.00 -10.15
C THR A 495 18.77 -8.55 -10.14
N PRO A 496 19.64 -7.61 -9.83
CA PRO A 496 19.23 -6.20 -9.82
C PRO A 496 19.06 -5.66 -11.24
N THR A 497 18.48 -4.48 -11.32
CA THR A 497 18.29 -3.79 -12.59
C THR A 497 18.72 -2.34 -12.45
N THR A 498 18.91 -1.69 -13.59
CA THR A 498 19.29 -0.28 -13.62
C THR A 498 18.44 0.45 -14.66
N GLY A 499 18.57 1.78 -14.68
CA GLY A 499 17.77 2.63 -15.54
C GLY A 499 16.63 3.27 -14.78
N LEU A 500 16.14 4.40 -15.30
CA LEU A 500 15.07 5.12 -14.62
C LEU A 500 13.79 5.12 -15.45
N THR A 501 12.68 4.77 -14.82
CA THR A 501 11.39 4.90 -15.47
C THR A 501 10.95 6.36 -15.47
N PRO A 502 10.11 6.75 -16.45
CA PRO A 502 9.56 8.12 -16.44
C PRO A 502 8.99 8.52 -15.09
N TYR A 503 8.19 7.64 -14.50
CA TYR A 503 7.64 7.95 -13.19
C TYR A 503 8.75 8.15 -12.17
N ALA A 504 9.88 7.45 -12.34
CA ALA A 504 11.00 7.59 -11.40
C ALA A 504 11.67 8.95 -11.51
N ARG A 505 11.64 9.57 -12.68
CA ARG A 505 12.22 10.89 -12.83
C ARG A 505 11.28 12.01 -12.40
N THR A 506 9.99 11.73 -12.30
CA THR A 506 9.03 12.80 -12.14
C THR A 506 8.28 12.79 -10.81
N GLY A 507 7.98 11.64 -10.24
CA GLY A 507 6.96 11.63 -9.22
C GLY A 507 5.64 11.78 -9.92
N ASN A 508 4.71 12.47 -9.31
CA ASN A 508 3.49 12.55 -10.08
C ASN A 508 3.00 13.98 -10.14
N TRP A 509 3.91 14.93 -10.32
CA TRP A 509 3.46 16.25 -10.73
C TRP A 509 2.77 16.23 -12.10
N PRO A 510 3.15 15.39 -13.11
CA PRO A 510 2.48 15.42 -14.40
C PRO A 510 1.01 15.00 -14.39
N LEU A 511 0.69 13.89 -13.71
CA LEU A 511 -0.72 13.59 -13.53
C LEU A 511 -1.45 14.75 -12.88
N TRP A 512 -0.75 15.48 -11.99
CA TRP A 512 -1.38 16.61 -11.33
C TRP A 512 -1.63 17.78 -12.28
N VAL A 513 -0.75 17.99 -13.28
CA VAL A 513 -1.04 19.04 -14.23
C VAL A 513 -2.19 18.63 -15.15
N LEU A 514 -2.24 17.35 -15.51
CA LEU A 514 -3.41 16.84 -16.22
C LEU A 514 -4.67 17.04 -15.40
N THR A 515 -4.61 16.63 -14.13
CA THR A 515 -5.70 16.92 -13.21
C THR A 515 -6.01 18.40 -13.19
N ALA A 516 -5.02 19.25 -13.43
CA ALA A 516 -5.21 20.69 -13.32
C ALA A 516 -5.89 21.28 -14.54
N LEU A 517 -5.40 20.96 -15.75
CA LEU A 517 -6.10 21.52 -16.89
C LEU A 517 -7.48 20.88 -17.04
N PHE A 518 -7.59 19.57 -16.78
CA PHE A 518 -8.91 18.93 -16.81
C PHE A 518 -9.86 19.60 -15.84
N GLY A 519 -9.41 19.80 -14.60
CA GLY A 519 -10.23 20.47 -13.63
C GLY A 519 -10.59 21.89 -14.04
N PHE A 520 -9.66 22.57 -14.73
CA PHE A 520 -9.93 23.94 -15.13
C PHE A 520 -11.01 23.99 -16.20
N ALA A 521 -10.86 23.15 -17.23
CA ALA A 521 -11.84 23.10 -18.31
C ALA A 521 -13.24 22.88 -17.74
N ALA A 522 -13.36 21.91 -16.84
CA ALA A 522 -14.65 21.58 -16.25
C ALA A 522 -15.24 22.74 -15.46
N VAL A 523 -14.43 23.44 -14.64
CA VAL A 523 -15.05 24.52 -13.88
C VAL A 523 -15.54 25.62 -14.81
N LEU A 524 -14.78 25.91 -15.87
CA LEU A 524 -15.25 26.92 -16.81
C LEU A 524 -16.59 26.51 -17.42
N MET A 525 -16.74 25.26 -17.84
CA MET A 525 -18.01 24.83 -18.44
C MET A 525 -19.16 24.93 -17.46
N SER A 526 -19.01 24.32 -16.28
CA SER A 526 -20.03 24.46 -15.26
C SER A 526 -20.21 25.89 -14.84
N LEU A 527 -19.35 26.77 -15.31
CA LEU A 527 -19.49 28.19 -15.08
C LEU A 527 -20.10 28.89 -16.26
N ARG A 528 -20.01 28.30 -17.44
CA ARG A 528 -20.72 28.87 -18.57
C ARG A 528 -22.23 28.88 -18.31
N GLN A 529 -22.80 27.73 -17.98
CA GLN A 529 -24.25 27.73 -17.77
C GLN A 529 -24.61 28.23 -16.37
C2 PG5 B . 0.23 5.52 -26.06
C3 PG5 B . 0.37 5.26 -27.56
O2 PG5 B . 0.94 4.00 -27.70
C4 PG5 B . 2.33 4.04 -27.86
C5 PG5 B . 2.78 2.60 -27.95
O3 PG5 B . 4.15 2.51 -27.74
C6 PG5 B . 4.56 1.19 -27.78
C7 PG5 B . 6.06 1.14 -27.98
O4 PG5 B . 6.36 -0.21 -28.15
C8 PG5 B . 7.68 -0.55 -27.84
C1 GOL C . 11.94 16.49 -7.42
O1 GOL C . 12.94 15.58 -7.03
C2 GOL C . 11.16 15.88 -8.57
O2 GOL C . 12.03 15.58 -9.64
C3 GOL C . 10.33 16.96 -9.18
O3 GOL C . 9.44 16.43 -10.14
C1 GOL D . 9.31 20.65 -12.33
O1 GOL D . 10.62 20.14 -12.49
C2 GOL D . 8.98 20.68 -10.85
O2 GOL D . 9.36 19.45 -10.28
C3 GOL D . 7.50 20.92 -10.63
O3 GOL D . 7.17 20.50 -9.32
C2 PG5 E . 29.44 4.78 11.44
C3 PG5 E . 30.16 4.49 12.76
O2 PG5 E . 31.10 3.45 12.66
C4 PG5 E . 32.18 3.53 13.54
C5 PG5 E . 31.70 3.50 14.99
O3 PG5 E . 32.77 3.11 15.79
C6 PG5 E . 32.46 2.98 17.15
C7 PG5 E . 32.87 4.25 17.88
O4 PG5 E . 32.27 4.27 19.14
C8 PG5 E . 33.15 4.59 20.18
C1 GOL F . 7.83 18.45 -6.22
O1 GOL F . 8.58 19.44 -6.91
C2 GOL F . 8.12 17.10 -6.82
O2 GOL F . 7.72 17.13 -8.16
C3 GOL F . 7.37 15.98 -6.14
O3 GOL F . 7.64 14.77 -6.84
C01 6OU G . -0.64 -9.52 -5.51
C02 6OU G . -1.59 -10.68 -5.16
C03 6OU G . -1.77 -11.59 -6.40
C04 6OU G . -1.86 -13.08 -5.94
C05 6OU G . -3.35 -13.53 -5.98
C06 6OU G . -3.92 -13.53 -4.53
C07 6OU G . -4.20 -15.00 -4.09
C08 6OU G . -5.16 -14.99 -2.86
C09 6OU G . -5.12 -16.39 -2.17
C10 6OU G . -6.38 -16.55 -1.29
C11 6OU G . -5.99 -17.26 0.04
C12 6OU G . -6.58 -16.48 1.24
C13 6OU G . -8.01 -17.02 1.55
C14 6OU G . -8.93 -15.83 1.94
C15 6OU G . -10.20 -16.38 2.67
C16 6OU G . -11.41 -15.48 2.35
O17 6OU G . -11.89 -15.50 1.26
O18 6OU G . -11.95 -14.63 3.35
C19 6OU G . -12.44 -15.32 4.48
C20 6OU G . -12.39 -14.39 5.69
C21 6OU G . -12.22 -15.23 6.97
O22 6OU G . -10.89 -15.11 7.44
P23 6OU G . -10.63 -15.06 9.08
O24 6OU G . -10.76 -16.45 9.66
O25 6OU G . -9.23 -14.53 9.35
O26 6OU G . -11.74 -14.05 9.79
C27 6OU G . -12.45 -13.15 8.97
C28 6OU G . -13.30 -12.20 9.85
N29 6OU G . -13.57 -10.95 9.12
O30 6OU G . -13.59 -13.66 5.77
C31 6OU G . -14.10 -13.27 4.52
O32 6OU G . -15.13 -13.76 4.13
C33 6OU G . -13.37 -12.23 3.66
C34 6OU G . -14.06 -10.84 3.81
C35 6OU G . -15.32 -10.80 2.88
C36 6OU G . -14.88 -10.87 1.40
C37 6OU G . -15.58 -9.73 0.61
C38 6OU G . -15.52 -10.07 -0.91
C39 6OU G . -16.56 -9.20 -1.65
C40 6OU G . -17.95 -9.39 -1.02
C41 6OU G . -19.05 -9.16 -1.73
C42 6OU G . -18.95 -8.70 -3.20
C43 6OU G . -20.27 -7.99 -3.62
C44 6OU G . -20.87 -8.73 -4.85
C45 6OU G . -22.16 -7.99 -5.32
C46 6OU G . -23.26 -9.03 -5.62
C47 6OU G . -22.96 -9.74 -6.96
C48 6OU G . -24.29 -10.06 -7.70
C49 6OU G . -23.99 -10.41 -9.17
C10 QGT H . -6.37 2.35 10.39
C12 QGT H . -6.83 4.61 10.62
C11 QGT H . -6.37 3.62 9.61
C01 QGT H . 1.48 -2.74 8.66
C04 QGT H . -0.69 -1.73 8.15
C05 QGT H . -2.27 -1.78 8.09
C06 QGT H . -3.30 -1.38 9.22
C07 QGT H . -4.13 -0.12 8.92
C08 QGT H . -5.37 0.21 9.73
C09 QGT H . -5.10 1.67 10.02
C13 QGT H . -6.55 5.89 9.95
C14 QGT H . -7.89 6.42 9.55
C15 QGT H . -7.46 7.53 8.64
C16 QGT H . -7.02 8.64 9.58
N03 QGT H . 0.34 -2.78 7.75
S02 QGT H . 1.27 -2.41 10.15
O18 6OU I . 3.47 -2.01 11.00
C19 6OU I . 3.32 -3.26 11.66
C20 6OU I . 2.57 -3.06 12.98
C21 6OU I . 2.65 -4.33 13.82
O22 6OU I . 3.97 -4.84 13.79
P23 6OU I . 4.80 -4.95 15.22
O24 6OU I . 5.20 -6.39 15.45
O25 6OU I . 6.05 -4.09 15.15
O26 6OU I . 3.84 -4.43 16.47
C27 6OU I . 4.24 -3.28 17.19
C28 6OU I . 3.02 -2.74 18.01
N29 6OU I . 2.77 -1.34 17.64
O30 6OU I . 1.23 -2.75 12.70
C31 6OU I . 0.50 -2.22 13.79
O32 6OU I . 1.01 -2.05 14.85
C33 6OU I . -1.00 -1.85 13.60
C34 6OU I . -1.88 -2.96 14.24
C35 6OU I . -3.31 -2.93 13.60
C36 6OU I . -4.25 -2.07 14.48
C37 6OU I . -4.83 -0.91 13.64
C38 6OU I . -6.22 -0.52 14.19
C39 6OU I . -6.66 0.82 13.57
C40 6OU I . -7.93 0.61 12.70
C41 6OU I . -9.03 1.30 12.95
C42 6OU I . -9.06 2.30 14.13
C43 6OU I . -10.45 2.97 14.22
C44 6OU I . -10.31 4.49 13.98
C45 6OU I . -11.65 5.06 13.43
C46 6OU I . -11.56 6.62 13.36
C47 6OU I . -10.58 7.03 12.22
C48 6OU I . -11.13 8.29 11.51
C49 6OU I . -12.11 9.04 12.44
C01 6OU J . -15.99 22.95 -3.38
C02 6OU J . -14.84 22.12 -2.78
C03 6OU J . -13.99 21.49 -3.91
C04 6OU J . -13.50 20.08 -3.48
C05 6OU J . -12.86 20.17 -2.07
C06 6OU J . -11.39 20.64 -2.21
C07 6OU J . -10.85 21.05 -0.81
C08 6OU J . -9.36 21.50 -0.94
C09 6OU J . -8.77 21.00 -2.29
C10 6OU J . -7.22 20.97 -2.19
C11 6OU J . -6.63 20.61 -3.58
C12 6OU J . -5.58 19.48 -3.43
C13 6OU J . -4.17 20.04 -3.77
C14 6OU J . -3.16 18.85 -3.88
C15 6OU J . -1.85 19.23 -3.13
C16 6OU J . -0.64 18.69 -3.93
O17 6OU J . -0.78 18.35 -5.07
O18 6OU J . 0.63 18.59 -3.32
C19 6OU J . 1.31 17.39 -3.60
C20 6OU J . 1.77 17.38 -5.05
C21 6OU J . 2.82 16.29 -5.30
O22 6OU J . 2.91 15.39 -4.22
P23 6OU J . 1.78 14.17 -4.09
O24 6OU J . 0.40 14.77 -3.92
O25 6OU J . 1.80 13.33 -5.35
O26 6OU J . 2.14 13.21 -2.78
C27 6OU J . 1.07 12.67 -2.03
C28 6OU J . 1.12 13.22 -0.58
N29 6OU J . 0.09 12.58 0.23
O30 6OU J . 2.32 18.63 -5.37
C31 6OU J . 2.47 18.87 -6.75
O32 6OU J . 2.79 17.98 -7.47
C33 6OU J . 2.21 20.28 -7.32
C34 6OU J . 1.04 20.22 -8.34
C35 6OU J . -0.20 20.97 -7.77
C36 6OU J . -1.36 20.91 -8.79
C37 6OU J . -2.54 21.77 -8.29
C38 6OU J . -3.70 20.85 -7.82
C39 6OU J . -5.02 21.31 -8.48
C40 6OU J . -6.13 21.39 -7.39
C41 6OU J . -7.42 21.30 -7.75
C42 6OU J . -7.80 21.09 -9.23
C43 6OU J . -9.04 20.16 -9.31
C44 6OU J . -10.33 21.02 -9.36
C45 6OU J . -11.45 20.22 -10.08
C46 6OU J . -12.75 20.27 -9.22
C47 6OU J . -12.77 21.58 -8.39
C48 6OU J . -13.67 21.38 -7.15
C49 6OU J . -13.97 22.76 -6.51
O1 PG5 K . 0.64 -11.24 -23.07
C2 PG5 K . -0.43 -11.73 -22.32
C3 PG5 K . -1.75 -11.21 -22.89
O2 PG5 K . -2.28 -10.25 -22.01
C4 PG5 K . -3.60 -10.50 -21.62
C5 PG5 K . -4.46 -9.44 -22.29
O3 PG5 K . -5.79 -9.80 -22.17
C6 PG5 K . -6.59 -9.06 -23.06
C7 PG5 K . -7.72 -8.45 -22.26
O4 PG5 K . -8.07 -7.25 -22.89
O1 PG5 L . 4.40 11.14 19.33
C2 PG5 L . 3.04 10.86 19.52
C3 PG5 L . 2.28 11.45 18.33
O2 PG5 L . 1.00 11.87 18.70
C4 PG5 L . 0.36 12.35 17.57
C5 PG5 L . -0.19 13.73 17.88
O3 PG5 L . -1.57 13.61 17.97
C6 PG5 L . -2.14 14.70 18.61
C7 PG5 L . -1.41 14.94 19.94
O4 PG5 L . -1.73 16.21 20.43
C1 PG6 M . -25.44 0.35 -13.28
O1 PG6 M . -26.71 0.39 -12.67
C2 PG6 M . -27.72 0.97 -13.43
C3 PG6 M . -28.25 2.17 -12.68
O2 PG6 M . -28.52 3.11 -13.67
C4 PG6 M . -29.02 4.32 -13.23
C5 PG6 M . -29.60 4.92 -14.50
O3 PG6 M . -30.06 6.17 -14.14
C6 PG6 M . -30.19 7.00 -15.23
C7 PG6 M . -30.94 8.23 -14.74
O4 PG6 M . -32.18 8.29 -15.38
C TRS N . 22.41 -17.09 20.52
C1 TRS N . 22.53 -16.98 19.00
C2 TRS N . 23.37 -16.10 21.21
C3 TRS N . 20.95 -16.81 20.91
N TRS N . 22.75 -18.46 20.84
O1 TRS N . 23.90 -16.97 18.72
O2 TRS N . 24.42 -15.67 20.38
O3 TRS N . 20.90 -15.81 21.89
C ACT O . -32.48 15.72 -0.60
O ACT O . -32.08 16.26 -1.67
OXT ACT O . -33.21 16.36 0.20
CH3 ACT O . -32.06 14.29 -0.27
C1 GOL P . -23.85 -3.22 11.27
O1 GOL P . -23.12 -4.43 11.23
C2 GOL P . -23.74 -2.49 9.94
O2 GOL P . -23.75 -3.43 8.89
C3 GOL P . -24.89 -1.52 9.78
O3 GOL P . -25.02 -1.17 8.41
C1 GOL Q . -17.93 -11.94 21.51
O1 GOL Q . -16.75 -11.44 22.09
C2 GOL Q . -17.92 -11.67 20.03
O2 GOL Q . -17.57 -10.32 19.82
C3 GOL Q . -19.26 -11.94 19.39
O3 GOL Q . -19.29 -11.39 18.09
C1 GOL R . -3.25 11.15 14.40
O1 GOL R . -4.43 10.93 13.66
C2 GOL R . -3.08 12.64 14.66
O2 GOL R . -1.95 12.81 15.48
C3 GOL R . -2.81 13.37 13.36
O3 GOL R . -1.45 13.65 13.19
C1 LMT S . -9.36 -12.47 -15.79
C2 LMT S . -10.35 -11.50 -16.39
C3 LMT S . -10.70 -11.67 -17.84
C4 LMT S . -11.42 -10.40 -18.26
C5 LMT S . -11.91 -10.34 -19.69
C6 LMT S . -12.15 -8.90 -20.13
C7 LMT S . -13.60 -8.52 -20.28
C8 LMT S . -13.94 -7.31 -19.44
C9 LMT S . -13.84 -5.95 -20.10
C10 LMT S . -14.68 -4.97 -19.32
C11 LMT S . -15.93 -5.62 -18.77
C12 LMT S . -17.00 -4.66 -18.40
C1 LMT T . -17.65 -6.52 10.72
C2 LMT T . -18.46 -6.09 9.54
C3 LMT T . -18.84 -4.64 9.47
C4 LMT T . -18.90 -4.21 8.01
C5 LMT T . -20.29 -4.35 7.44
C6 LMT T . -20.32 -4.65 5.95
C7 LMT T . -21.22 -3.68 5.20
C8 LMT T . -21.17 -3.87 3.69
C9 LMT T . -21.90 -5.09 3.17
C10 LMT T . -21.98 -5.08 1.66
C11 LMT T . -22.61 -6.35 1.12
C12 LMT T . -21.64 -7.49 1.05
C1B LMT U . -0.18 16.11 8.43
C2B LMT U . 0.89 17.04 7.82
C3B LMT U . 1.12 16.67 6.37
C4B LMT U . 1.66 15.24 6.48
C5B LMT U . 0.46 14.46 7.01
C6B LMT U . 0.64 12.99 6.74
O1B LMT U . -1.44 16.15 7.81
O2B LMT U . 0.61 18.38 7.99
O3B LMT U . 1.94 17.54 5.73
O4' LMT U . 2.07 14.72 5.28
O5B LMT U . 0.24 14.79 8.35
O6B LMT U . 1.02 12.88 5.43
C1' LMT U . -5.25 17.24 9.17
C2' LMT U . -4.47 18.15 8.20
C3' LMT U . -3.62 17.14 7.45
C4' LMT U . -2.47 16.91 8.43
C5' LMT U . -3.10 16.21 9.68
C6' LMT U . -2.14 16.15 10.84
O1' LMT U . -6.30 17.90 9.78
O2' LMT U . -5.25 18.84 7.33
O3' LMT U . -3.21 17.65 6.25
O5' LMT U . -4.31 16.81 10.16
O6' LMT U . -2.80 15.90 11.96
C1 LMT U . -7.41 18.18 8.93
C2 LMT U . -8.69 18.15 9.73
C3 LMT U . -9.92 17.79 8.95
C4 LMT U . -10.75 16.79 9.71
C5 LMT U . -12.14 16.70 9.16
C6 LMT U . -12.52 15.39 8.52
C7 LMT U . -13.83 15.59 7.79
C8 LMT U . -13.96 14.72 6.57
C9 LMT U . -14.34 15.42 5.29
C10 LMT U . -15.81 15.78 5.29
C11 LMT U . -16.46 15.69 3.94
C12 LMT U . -17.92 16.00 3.98
CL CL V . 33.16 -6.09 5.70
CL CL W . -23.55 14.55 -23.73
#